data_4MG9
#
_entry.id   4MG9
#
_cell.length_a   54.920
_cell.length_b   81.550
_cell.length_c   58.260
_cell.angle_alpha   90.00
_cell.angle_beta   110.06
_cell.angle_gamma   90.00
#
_symmetry.space_group_name_H-M   'P 1 21 1'
#
loop_
_entity.id
_entity.type
_entity.pdbx_description
1 polymer 'Estrogen receptor'
2 polymer 'Estrogen receptor'
3 polymer 'Nuclear receptor coactivator 1'
4 non-polymer 'butyl 4-hydroxybenzoate'
5 non-polymer GLYCEROL
6 water water
#
loop_
_entity_poly.entity_id
_entity_poly.type
_entity_poly.pdbx_seq_one_letter_code
_entity_poly.pdbx_strand_id
1 'polypeptide(L)'
;GSHMKKNSLALSLTADQMVSALLDAEPPILYSEYDPTRPFSEASMMGLLTNLADRELVHMINWAKRVPGFVDLTLHDQVH
LLE(CSO)AWLEILMIGLVWRSMEHPGKLLFAPNLLLDRNQGKCVEGMVEIFDMLLATSSRFRMMNLQGEEFVCLKSIIL
LNSGVYTFLSSTLKSLEEKDHIHRVLDKITDTLIHLMAKAGLTLQQQHQRLAQLLLILSHIRHMSNKGMEHLYSMKCKNV
VPLSDLLLEMLDAHRLHAP
;
A
2 'polypeptide(L)'
;GSHMKKNSLALSLTADQMVSALLDAEPPILYSEYDPTRPFSEASMMGLLTNLADRELVHMINWAKRVPGFVDLTLHDQVH
LLE(CSO)AWLEILMIGLVWRSMEHPGKLLFAPNLLLDRNQGK(CSO)VEGMVEIFDMLLATSSRFRMMNLQGEEFVCLK
SIILLNSGVYTFLSSTLKSLEEKDHIHRVLDKITDTLIHLMAKAGLTLQQQHQRLAQLLLILSHIRHMSNKGMEHLYSMK
(CSO)KNVVPLSDLLLEMLDAHRLHAP
;
B
3 'polypeptide(L)' RHKILHRLLQEGS F,G
#
loop_
_chem_comp.id
_chem_comp.type
_chem_comp.name
_chem_comp.formula
27K non-polymer 'butyl 4-hydroxybenzoate' 'C11 H14 O3'
GOL non-polymer GLYCEROL 'C3 H8 O3'
#
# COMPACT_ATOMS: atom_id res chain seq x y z
N SER A 8 16.73 21.35 -12.61
CA SER A 8 16.88 20.90 -11.24
C SER A 8 18.14 20.05 -11.06
N LEU A 9 18.70 20.09 -9.87
CA LEU A 9 19.82 19.22 -9.53
C LEU A 9 19.32 17.79 -9.44
N ALA A 10 18.13 17.63 -8.88
CA ALA A 10 17.52 16.32 -8.67
C ALA A 10 17.72 15.36 -9.84
N LEU A 11 17.22 15.73 -11.02
CA LEU A 11 17.25 14.80 -12.15
C LEU A 11 18.64 14.67 -12.77
N SER A 12 19.60 15.41 -12.24
CA SER A 12 20.97 15.40 -12.77
C SER A 12 21.91 14.51 -11.97
N LEU A 13 21.38 13.85 -10.95
CA LEU A 13 22.22 13.05 -10.07
C LEU A 13 22.50 11.65 -10.62
N THR A 14 23.76 11.24 -10.56
CA THR A 14 24.06 9.85 -10.82
C THR A 14 23.53 8.98 -9.68
N ALA A 15 23.52 7.67 -9.89
CA ALA A 15 23.08 6.73 -8.87
C ALA A 15 23.89 6.87 -7.59
N ASP A 16 25.21 6.96 -7.72
CA ASP A 16 26.08 7.04 -6.55
C ASP A 16 25.84 8.35 -5.81
N GLN A 17 25.63 9.43 -6.55
CA GLN A 17 25.35 10.73 -5.98
C GLN A 17 24.01 10.73 -5.26
N MET A 18 23.03 10.04 -5.84
CA MET A 18 21.72 9.90 -5.22
C MET A 18 21.80 9.15 -3.89
N VAL A 19 22.46 8.00 -3.87
CA VAL A 19 22.68 7.27 -2.63
C VAL A 19 23.38 8.15 -1.60
N SER A 20 24.43 8.83 -2.03
CA SER A 20 25.17 9.74 -1.15
C SER A 20 24.26 10.79 -0.56
N ALA A 21 23.52 11.48 -1.41
CA ALA A 21 22.58 12.50 -0.95
C ALA A 21 21.66 11.96 0.14
N LEU A 22 21.04 10.81 -0.12
CA LEU A 22 20.10 10.19 0.80
C LEU A 22 20.77 9.76 2.10
N LEU A 23 21.90 9.07 2.01
CA LEU A 23 22.65 8.70 3.20
C LEU A 23 23.00 9.94 4.03
N ASP A 24 23.45 11.00 3.35
CA ASP A 24 23.86 12.23 4.03
C ASP A 24 22.69 12.90 4.77
N ALA A 25 21.49 12.67 4.27
CA ALA A 25 20.32 13.35 4.79
C ALA A 25 19.66 12.60 5.95
N GLU A 26 20.13 11.40 6.27
CA GLU A 26 19.49 10.58 7.30
C GLU A 26 19.31 11.36 8.60
N PRO A 27 18.12 11.30 9.22
CA PRO A 27 17.94 11.92 10.52
C PRO A 27 18.59 11.09 11.61
N PRO A 28 18.66 11.61 12.83
CA PRO A 28 19.29 10.85 13.92
C PRO A 28 18.33 9.90 14.60
N ILE A 29 18.87 8.96 15.35
CA ILE A 29 18.05 8.14 16.22
C ILE A 29 17.90 8.82 17.58
N LEU A 30 16.65 9.08 17.96
CA LEU A 30 16.36 9.81 19.19
C LEU A 30 16.11 8.85 20.35
N TYR A 31 16.27 9.36 21.58
CA TYR A 31 15.96 8.60 22.78
C TYR A 31 14.56 8.86 23.28
N SER A 32 13.97 7.88 23.95
CA SER A 32 12.67 8.08 24.56
C SER A 32 12.88 8.57 25.98
N GLU A 33 11.81 8.57 26.77
CA GLU A 33 11.92 8.99 28.15
C GLU A 33 11.70 7.80 29.07
N TYR A 34 11.71 6.60 28.49
CA TYR A 34 11.50 5.36 29.24
C TYR A 34 12.44 5.25 30.45
N ASP A 35 11.89 4.74 31.55
CA ASP A 35 12.63 4.55 32.79
C ASP A 35 12.22 3.21 33.37
N PRO A 36 13.10 2.21 33.29
CA PRO A 36 12.79 0.84 33.69
C PRO A 36 12.41 0.73 35.17
N THR A 37 12.68 1.78 35.94
CA THR A 37 12.39 1.74 37.37
C THR A 37 11.00 2.31 37.63
N ARG A 38 10.54 3.15 36.72
CA ARG A 38 9.23 3.78 36.84
C ARG A 38 8.14 2.82 36.41
N PRO A 39 6.99 2.84 37.10
CA PRO A 39 5.87 2.01 36.66
C PRO A 39 5.20 2.66 35.45
N PHE A 40 4.70 1.85 34.53
CA PHE A 40 4.05 2.39 33.34
C PHE A 40 2.61 1.92 33.25
N SER A 41 1.74 2.80 32.77
CA SER A 41 0.38 2.44 32.47
C SER A 41 0.23 2.33 30.96
N GLU A 42 -0.99 2.12 30.49
CA GLU A 42 -1.28 2.16 29.07
C GLU A 42 -1.03 3.56 28.55
N ALA A 43 -1.35 4.54 29.37
CA ALA A 43 -1.36 5.92 28.95
C ALA A 43 0.01 6.58 29.06
N SER A 44 0.99 5.85 29.61
CA SER A 44 2.33 6.39 29.70
C SER A 44 3.22 5.72 28.66
N MET A 45 3.10 4.41 28.55
CA MET A 45 3.82 3.69 27.51
C MET A 45 3.52 4.33 26.17
N MET A 46 2.22 4.50 25.88
CA MET A 46 1.80 5.14 24.63
C MET A 46 2.27 6.60 24.56
N GLY A 47 2.31 7.26 25.70
CA GLY A 47 2.78 8.64 25.77
C GLY A 47 4.25 8.75 25.39
N LEU A 48 5.04 7.74 25.76
CA LEU A 48 6.44 7.68 25.35
C LEU A 48 6.51 7.65 23.83
N LEU A 49 5.74 6.75 23.24
CA LEU A 49 5.75 6.57 21.79
C LEU A 49 5.31 7.83 21.03
N THR A 50 4.23 8.48 21.47
CA THR A 50 3.77 9.71 20.82
C THR A 50 4.73 10.89 21.06
N ASN A 51 5.29 11.00 22.25
CA ASN A 51 6.32 12.01 22.51
C ASN A 51 7.47 11.83 21.52
N LEU A 52 7.95 10.59 21.38
CA LEU A 52 9.03 10.27 20.47
C LEU A 52 8.64 10.58 19.02
N ALA A 53 7.49 10.10 18.59
CA ALA A 53 7.05 10.35 17.23
C ALA A 53 7.02 11.85 16.94
N ASP A 54 6.48 12.64 17.87
CA ASP A 54 6.45 14.09 17.70
C ASP A 54 7.85 14.67 17.47
N ARG A 55 8.81 14.24 18.26
CA ARG A 55 10.19 14.72 18.10
C ARG A 55 10.76 14.23 16.76
N GLU A 56 10.46 12.99 16.38
CA GLU A 56 10.95 12.49 15.10
C GLU A 56 10.39 13.27 13.92
N LEU A 57 9.12 13.67 14.03
CA LEU A 57 8.48 14.42 12.96
C LEU A 57 9.27 15.66 12.60
N VAL A 58 9.74 16.39 13.62
CA VAL A 58 10.49 17.60 13.36
C VAL A 58 11.73 17.28 12.54
N HIS A 59 12.42 16.18 12.87
CA HIS A 59 13.59 15.80 12.09
C HIS A 59 13.20 15.31 10.70
N MET A 60 12.07 14.64 10.60
CA MET A 60 11.60 14.13 9.32
C MET A 60 11.35 15.29 8.38
N ILE A 61 10.71 16.34 8.88
CA ILE A 61 10.43 17.48 8.02
C ILE A 61 11.71 18.03 7.45
N ASN A 62 12.74 18.13 8.29
CA ASN A 62 13.99 18.67 7.79
CA ASN A 62 14.04 18.65 7.84
C ASN A 62 14.74 17.68 6.88
N TRP A 63 14.55 16.38 7.11
CA TRP A 63 15.07 15.36 6.21
C TRP A 63 14.39 15.45 4.84
N ALA A 64 13.08 15.64 4.83
CA ALA A 64 12.35 15.69 3.57
C ALA A 64 12.91 16.78 2.65
N LYS A 65 13.29 17.91 3.23
CA LYS A 65 13.83 19.03 2.47
C LYS A 65 15.11 18.64 1.72
N ARG A 66 15.81 17.62 2.24
CA ARG A 66 17.07 17.19 1.64
C ARG A 66 16.92 16.00 0.71
N VAL A 67 15.69 15.57 0.47
CA VAL A 67 15.43 14.50 -0.51
C VAL A 67 15.38 15.15 -1.88
N PRO A 68 16.28 14.74 -2.78
CA PRO A 68 16.32 15.30 -4.14
C PRO A 68 14.92 15.43 -4.77
N GLY A 69 14.62 16.61 -5.27
CA GLY A 69 13.37 16.88 -5.95
C GLY A 69 12.33 17.50 -5.03
N PHE A 70 12.43 17.24 -3.73
CA PHE A 70 11.32 17.56 -2.84
C PHE A 70 11.04 19.06 -2.71
N VAL A 71 12.10 19.87 -2.59
CA VAL A 71 11.89 21.32 -2.49
C VAL A 71 11.63 21.97 -3.85
N ASP A 72 11.71 21.16 -4.91
CA ASP A 72 11.30 21.63 -6.24
C ASP A 72 9.80 21.85 -6.25
N LEU A 73 9.11 21.19 -5.34
CA LEU A 73 7.66 21.23 -5.31
C LEU A 73 7.15 22.47 -4.59
N THR A 74 5.92 22.84 -4.89
CA THR A 74 5.28 23.95 -4.20
C THR A 74 5.12 23.58 -2.74
N LEU A 75 4.99 24.59 -1.90
CA LEU A 75 4.87 24.39 -0.46
C LEU A 75 3.62 23.58 -0.13
N HIS A 76 2.54 23.85 -0.86
CA HIS A 76 1.28 23.13 -0.63
C HIS A 76 1.45 21.64 -0.94
N ASP A 77 2.25 21.33 -1.95
CA ASP A 77 2.46 19.94 -2.37
C ASP A 77 3.40 19.22 -1.40
N GLN A 78 4.42 19.92 -0.90
CA GLN A 78 5.28 19.36 0.15
C GLN A 78 4.46 19.00 1.37
N VAL A 79 3.60 19.95 1.79
CA VAL A 79 2.73 19.75 2.93
C VAL A 79 1.90 18.48 2.75
N HIS A 80 1.34 18.34 1.56
CA HIS A 80 0.47 17.22 1.25
C HIS A 80 1.20 15.88 1.30
N LEU A 81 2.37 15.82 0.70
CA LEU A 81 3.15 14.60 0.68
C LEU A 81 3.52 14.15 2.07
N LEU A 82 3.84 15.10 2.96
CA LEU A 82 4.25 14.74 4.30
C LEU A 82 3.05 14.37 5.14
N GLU A 83 1.91 15.01 4.87
CA GLU A 83 0.71 14.65 5.62
C GLU A 83 0.29 13.23 5.30
N CSO A 84 0.45 12.86 4.04
CA CSO A 84 0.10 11.52 3.60
CA CSO A 84 0.13 11.52 3.58
CB CSO A 84 0.05 11.50 2.07
CB CSO A 84 0.14 11.47 2.05
SG CSO A 84 -0.64 9.94 1.49
SG CSO A 84 -1.33 12.28 1.38
C CSO A 84 1.09 10.48 4.13
O CSO A 84 0.69 9.41 4.61
OD CSO A 84 -2.36 9.84 1.97
OD CSO A 84 -2.79 11.66 2.21
N ALA A 85 2.38 10.79 4.08
CA ALA A 85 3.42 9.79 4.30
C ALA A 85 4.03 9.71 5.69
N TRP A 86 3.73 10.65 6.59
CA TRP A 86 4.53 10.74 7.82
C TRP A 86 4.60 9.44 8.65
N LEU A 87 3.45 8.80 8.86
CA LEU A 87 3.42 7.62 9.70
C LEU A 87 4.10 6.42 9.01
N GLU A 88 3.95 6.30 7.69
CA GLU A 88 4.68 5.28 6.91
C GLU A 88 6.18 5.47 7.08
N ILE A 89 6.63 6.71 7.02
CA ILE A 89 8.05 7.03 7.17
C ILE A 89 8.54 6.70 8.60
N LEU A 90 7.75 7.07 9.61
CA LEU A 90 8.12 6.70 10.99
C LEU A 90 8.17 5.18 11.14
N MET A 91 7.19 4.51 10.56
CA MET A 91 7.11 3.06 10.66
C MET A 91 8.25 2.36 9.97
N ILE A 92 8.61 2.80 8.77
CA ILE A 92 9.72 2.14 8.10
C ILE A 92 11.05 2.36 8.83
N GLY A 93 11.24 3.52 9.44
CA GLY A 93 12.44 3.77 10.23
C GLY A 93 12.50 2.82 11.43
N LEU A 94 11.37 2.68 12.11
CA LEU A 94 11.24 1.76 13.23
C LEU A 94 11.59 0.34 12.83
N VAL A 95 10.98 -0.15 11.75
CA VAL A 95 11.28 -1.48 11.25
C VAL A 95 12.77 -1.60 10.90
N TRP A 96 13.34 -0.56 10.30
CA TRP A 96 14.77 -0.60 9.97
C TRP A 96 15.67 -0.72 11.21
N ARG A 97 15.41 0.10 12.22
CA ARG A 97 16.14 0.02 13.49
C ARG A 97 15.98 -1.35 14.15
N SER A 98 14.81 -1.96 13.98
CA SER A 98 14.48 -3.18 14.70
C SER A 98 14.99 -4.46 14.02
N MET A 99 15.58 -4.29 12.84
CA MET A 99 16.05 -5.42 12.04
C MET A 99 16.93 -6.39 12.82
N GLU A 100 17.82 -5.85 13.65
CA GLU A 100 18.80 -6.67 14.37
C GLU A 100 18.27 -7.12 15.72
N HIS A 101 16.97 -6.99 15.93
CA HIS A 101 16.36 -7.40 17.19
C HIS A 101 15.11 -8.24 16.98
N PRO A 102 15.31 -9.52 16.62
CA PRO A 102 14.16 -10.37 16.28
C PRO A 102 13.18 -10.44 17.43
N GLY A 103 11.90 -10.25 17.12
CA GLY A 103 10.86 -10.28 18.13
C GLY A 103 10.71 -8.97 18.88
N LYS A 104 11.53 -7.99 18.54
CA LYS A 104 11.46 -6.71 19.24
C LYS A 104 11.40 -5.49 18.32
N LEU A 105 10.75 -4.45 18.79
CA LEU A 105 10.76 -3.16 18.12
C LEU A 105 11.62 -2.14 18.89
N LEU A 106 12.68 -1.67 18.23
CA LEU A 106 13.57 -0.66 18.81
C LEU A 106 13.00 0.71 18.55
N PHE A 107 12.03 1.13 19.35
CA PHE A 107 11.49 2.46 19.20
C PHE A 107 12.61 3.45 19.41
N ALA A 108 13.51 3.13 20.32
CA ALA A 108 14.64 3.99 20.68
C ALA A 108 15.73 3.15 21.34
N PRO A 109 16.98 3.63 21.33
CA PRO A 109 18.00 2.74 21.91
C PRO A 109 17.69 2.35 23.35
N ASN A 110 16.93 3.17 24.07
CA ASN A 110 16.57 2.88 25.45
C ASN A 110 15.14 2.37 25.57
N LEU A 111 14.54 2.02 24.44
CA LEU A 111 13.16 1.56 24.43
C LEU A 111 12.96 0.45 23.43
N LEU A 112 13.32 -0.75 23.84
CA LEU A 112 13.13 -1.96 23.05
CA LEU A 112 13.12 -1.96 23.05
C LEU A 112 11.87 -2.64 23.58
N LEU A 113 10.95 -2.97 22.68
CA LEU A 113 9.69 -3.56 23.12
C LEU A 113 9.34 -4.94 22.55
N ASP A 114 8.67 -5.70 23.41
CA ASP A 114 8.24 -7.07 23.14
C ASP A 114 6.78 -7.02 22.71
N ARG A 115 6.30 -8.07 22.06
CA ARG A 115 4.89 -8.14 21.72
C ARG A 115 4.09 -8.03 23.02
N ASN A 116 4.54 -8.77 24.04
CA ASN A 116 3.91 -8.73 25.36
C ASN A 116 3.69 -7.30 25.85
N GLN A 117 4.78 -6.54 25.94
CA GLN A 117 4.72 -5.16 26.43
C GLN A 117 3.82 -4.31 25.54
N GLY A 118 3.63 -4.75 24.30
CA GLY A 118 2.81 -4.02 23.33
C GLY A 118 1.31 -4.17 23.54
N LYS A 119 0.93 -5.17 24.32
CA LYS A 119 -0.47 -5.34 24.68
C LYS A 119 -0.94 -4.22 25.59
N CYS A 120 0.01 -3.50 26.19
CA CYS A 120 -0.30 -2.40 27.08
C CYS A 120 -1.42 -1.52 26.53
N VAL A 121 -1.20 -0.95 25.35
CA VAL A 121 -2.23 -0.16 24.69
C VAL A 121 -3.34 -1.06 24.14
N GLU A 122 -4.56 -0.55 24.14
CA GLU A 122 -5.71 -1.35 23.72
C GLU A 122 -5.73 -1.58 22.21
N GLY A 123 -5.25 -2.74 21.79
CA GLY A 123 -5.31 -3.13 20.39
C GLY A 123 -4.07 -2.79 19.60
N MET A 124 -3.05 -2.26 20.29
CA MET A 124 -1.79 -1.95 19.66
C MET A 124 -1.05 -3.23 19.28
N VAL A 125 -1.52 -4.35 19.81
CA VAL A 125 -0.92 -5.66 19.54
C VAL A 125 -0.84 -6.00 18.05
N GLU A 126 -1.95 -5.80 17.33
CA GLU A 126 -1.97 -6.15 15.91
C GLU A 126 -0.93 -5.34 15.12
N ILE A 127 -0.89 -4.04 15.39
CA ILE A 127 0.08 -3.19 14.71
C ILE A 127 1.51 -3.66 15.02
N PHE A 128 1.79 -3.89 16.30
CA PHE A 128 3.08 -4.47 16.69
C PHE A 128 3.43 -5.68 15.84
N ASP A 129 2.52 -6.64 15.74
CA ASP A 129 2.78 -7.87 15.00
C ASP A 129 3.10 -7.59 13.54
N MET A 130 2.40 -6.63 12.97
CA MET A 130 2.64 -6.26 11.57
C MET A 130 4.04 -5.67 11.40
N LEU A 131 4.43 -4.81 12.34
CA LEU A 131 5.77 -4.23 12.29
C LEU A 131 6.84 -5.30 12.43
N LEU A 132 6.62 -6.28 13.30
CA LEU A 132 7.57 -7.36 13.50
C LEU A 132 7.66 -8.25 12.27
N ALA A 133 6.52 -8.54 11.66
CA ALA A 133 6.52 -9.27 10.38
C ALA A 133 7.37 -8.54 9.33
N THR A 134 7.26 -7.23 9.29
CA THR A 134 8.00 -6.44 8.31
C THR A 134 9.49 -6.51 8.61
N SER A 135 9.81 -6.38 9.90
CA SER A 135 11.19 -6.45 10.33
C SER A 135 11.77 -7.79 9.91
N SER A 136 11.02 -8.86 10.21
CA SER A 136 11.44 -10.20 9.82
C SER A 136 11.67 -10.25 8.32
N ARG A 137 10.74 -9.64 7.57
CA ARG A 137 10.87 -9.61 6.12
C ARG A 137 12.15 -8.91 5.69
N PHE A 138 12.46 -7.76 6.31
CA PHE A 138 13.74 -7.08 6.04
C PHE A 138 14.92 -8.01 6.32
N ARG A 139 14.85 -8.75 7.42
CA ARG A 139 15.93 -9.69 7.75
C ARG A 139 16.06 -10.78 6.69
N MET A 140 14.94 -11.41 6.34
CA MET A 140 14.93 -12.46 5.33
C MET A 140 15.57 -11.98 4.02
N MET A 141 15.32 -10.74 3.64
CA MET A 141 15.85 -10.17 2.40
C MET A 141 17.23 -9.59 2.57
N ASN A 142 17.72 -9.54 3.81
CA ASN A 142 18.96 -8.85 4.12
C ASN A 142 18.98 -7.43 3.57
N LEU A 143 17.98 -6.65 3.93
CA LEU A 143 17.89 -5.26 3.42
C LEU A 143 19.14 -4.43 3.72
N GLN A 144 19.68 -3.79 2.70
CA GLN A 144 20.85 -2.94 2.87
C GLN A 144 20.46 -1.51 3.20
N GLY A 145 21.28 -0.84 4.02
CA GLY A 145 21.01 0.55 4.38
C GLY A 145 20.76 1.44 3.17
N GLU A 146 21.51 1.19 2.10
CA GLU A 146 21.39 1.95 0.87
C GLU A 146 20.01 1.77 0.22
N GLU A 147 19.50 0.54 0.30
CA GLU A 147 18.18 0.20 -0.22
C GLU A 147 17.09 0.82 0.64
N PHE A 148 17.31 0.77 1.95
CA PHE A 148 16.41 1.41 2.91
C PHE A 148 16.19 2.90 2.63
N VAL A 149 17.26 3.68 2.42
CA VAL A 149 17.06 5.12 2.23
C VAL A 149 16.33 5.41 0.92
N CYS A 150 16.57 4.58 -0.09
CA CYS A 150 15.82 4.69 -1.32
C CYS A 150 14.31 4.47 -1.09
N LEU A 151 13.96 3.41 -0.37
CA LEU A 151 12.56 3.11 -0.11
C LEU A 151 11.86 4.20 0.68
N LYS A 152 12.56 4.77 1.64
CA LYS A 152 11.96 5.80 2.48
C LYS A 152 11.65 7.05 1.65
N SER A 153 12.55 7.41 0.74
CA SER A 153 12.32 8.54 -0.14
C SER A 153 11.21 8.24 -1.16
N ILE A 154 11.16 6.99 -1.64
CA ILE A 154 10.01 6.57 -2.45
C ILE A 154 8.67 6.76 -1.75
N ILE A 155 8.60 6.42 -0.48
CA ILE A 155 7.35 6.59 0.27
C ILE A 155 6.93 8.07 0.31
N LEU A 156 7.90 8.93 0.61
CA LEU A 156 7.62 10.36 0.71
C LEU A 156 7.03 10.89 -0.60
N LEU A 157 7.61 10.48 -1.71
CA LEU A 157 7.26 11.01 -3.02
C LEU A 157 6.01 10.33 -3.59
N ASN A 158 5.86 9.04 -3.31
CA ASN A 158 4.77 8.25 -3.89
C ASN A 158 3.42 8.33 -3.18
N SER A 159 3.44 8.32 -1.86
CA SER A 159 2.22 8.05 -1.10
C SER A 159 1.08 9.05 -1.26
N GLY A 160 1.38 10.31 -1.56
CA GLY A 160 0.32 11.29 -1.74
C GLY A 160 0.16 11.74 -3.17
N VAL A 161 0.94 11.16 -4.06
CA VAL A 161 1.04 11.63 -5.43
C VAL A 161 -0.29 11.51 -6.22
N TYR A 162 -1.16 10.59 -5.82
CA TYR A 162 -2.44 10.40 -6.50
C TYR A 162 -3.64 10.97 -5.73
N THR A 163 -3.37 11.72 -4.67
CA THR A 163 -4.45 12.36 -3.93
C THR A 163 -4.33 13.89 -3.90
N PHE A 164 -3.57 14.44 -4.83
CA PHE A 164 -3.44 15.89 -4.95
C PHE A 164 -4.79 16.53 -5.25
N SER A 167 -6.10 20.60 -9.51
CA SER A 167 -6.31 22.02 -9.75
C SER A 167 -6.49 22.29 -11.25
N THR A 168 -5.38 22.24 -11.95
CA THR A 168 -5.28 22.69 -13.33
C THR A 168 -4.27 21.80 -14.03
N LEU A 169 -4.12 21.98 -15.35
CA LEU A 169 -3.12 21.23 -16.11
C LEU A 169 -1.73 21.60 -15.62
N LYS A 170 -1.68 22.70 -14.86
CA LYS A 170 -0.49 23.16 -14.16
C LYS A 170 -0.09 22.20 -13.03
N SER A 171 -0.98 22.03 -12.07
CA SER A 171 -0.71 21.19 -10.92
C SER A 171 -0.45 19.75 -11.34
N LEU A 172 -0.61 19.48 -12.63
CA LEU A 172 -0.32 18.16 -13.19
C LEU A 172 1.18 17.99 -13.46
N GLU A 173 1.86 19.09 -13.75
CA GLU A 173 3.31 19.04 -13.98
C GLU A 173 4.06 18.86 -12.66
N GLU A 174 3.43 19.23 -11.55
CA GLU A 174 3.96 18.93 -10.23
C GLU A 174 4.06 17.42 -10.08
N LYS A 175 2.96 16.74 -10.38
CA LYS A 175 2.90 15.29 -10.29
C LYS A 175 3.90 14.62 -11.23
N ASP A 176 4.19 15.26 -12.36
CA ASP A 176 5.09 14.69 -13.37
CA ASP A 176 5.08 14.67 -13.35
C ASP A 176 6.56 14.75 -12.95
N HIS A 177 6.94 15.80 -12.23
CA HIS A 177 8.30 15.91 -11.72
C HIS A 177 8.56 14.80 -10.70
N ILE A 178 7.56 14.52 -9.87
CA ILE A 178 7.68 13.47 -8.87
C ILE A 178 7.93 12.13 -9.55
N HIS A 179 7.20 11.85 -10.63
CA HIS A 179 7.36 10.58 -11.33
C HIS A 179 8.76 10.46 -11.89
N ARG A 180 9.33 11.57 -12.34
CA ARG A 180 10.70 11.57 -12.86
C ARG A 180 11.71 11.26 -11.74
N VAL A 181 11.48 11.86 -10.57
CA VAL A 181 12.36 11.60 -9.44
C VAL A 181 12.19 10.15 -8.99
N LEU A 182 10.95 9.70 -8.93
CA LEU A 182 10.67 8.31 -8.58
C LEU A 182 11.42 7.34 -9.49
N ASP A 183 11.39 7.59 -10.79
CA ASP A 183 12.11 6.74 -11.74
C ASP A 183 13.60 6.72 -11.46
N LYS A 184 14.11 7.87 -11.04
CA LYS A 184 15.52 8.02 -10.75
C LYS A 184 15.91 7.19 -9.56
N ILE A 185 15.02 7.09 -8.58
CA ILE A 185 15.29 6.27 -7.39
C ILE A 185 15.22 4.80 -7.76
N THR A 186 14.31 4.45 -8.66
CA THR A 186 14.26 3.08 -9.17
C THR A 186 15.59 2.72 -9.82
N ASP A 187 16.08 3.61 -10.69
CA ASP A 187 17.38 3.44 -11.32
C ASP A 187 18.47 3.20 -10.25
N THR A 188 18.41 3.98 -9.18
CA THR A 188 19.38 3.86 -8.10
C THR A 188 19.32 2.49 -7.42
N LEU A 189 18.12 2.04 -7.07
CA LEU A 189 17.96 0.69 -6.54
C LEU A 189 18.57 -0.38 -7.45
N ILE A 190 18.32 -0.26 -8.74
CA ILE A 190 18.81 -1.27 -9.70
C ILE A 190 20.33 -1.26 -9.71
N HIS A 191 20.89 -0.06 -9.80
CA HIS A 191 22.33 0.13 -9.74
C HIS A 191 22.96 -0.50 -8.48
N LEU A 192 22.33 -0.30 -7.32
CA LEU A 192 22.82 -0.92 -6.08
C LEU A 192 22.82 -2.44 -6.16
N MET A 193 21.76 -3.01 -6.72
CA MET A 193 21.64 -4.45 -6.84
C MET A 193 22.65 -5.00 -7.85
N ALA A 194 22.85 -4.26 -8.94
CA ALA A 194 23.80 -4.68 -9.95
C ALA A 194 25.21 -4.74 -9.36
N LYS A 195 25.56 -3.75 -8.55
CA LYS A 195 26.87 -3.70 -7.91
C LYS A 195 27.02 -4.79 -6.85
N ALA A 196 25.90 -5.19 -6.25
CA ALA A 196 25.92 -6.31 -5.30
C ALA A 196 26.05 -7.67 -5.99
N GLY A 197 26.17 -7.66 -7.31
CA GLY A 197 26.39 -8.89 -8.05
C GLY A 197 25.14 -9.69 -8.42
N LEU A 198 23.96 -9.12 -8.20
CA LEU A 198 22.72 -9.78 -8.61
C LEU A 198 22.61 -9.88 -10.12
N THR A 199 22.12 -11.01 -10.60
CA THR A 199 21.80 -11.15 -12.03
C THR A 199 20.63 -10.23 -12.33
N LEU A 200 20.36 -10.03 -13.61
CA LEU A 200 19.28 -9.16 -14.03
C LEU A 200 17.93 -9.67 -13.55
N GLN A 201 17.74 -10.99 -13.61
CA GLN A 201 16.51 -11.59 -13.12
C GLN A 201 16.37 -11.36 -11.61
N GLN A 202 17.48 -11.50 -10.89
CA GLN A 202 17.49 -11.22 -9.46
C GLN A 202 17.23 -9.75 -9.11
N GLN A 203 17.76 -8.85 -9.93
CA GLN A 203 17.58 -7.43 -9.71
C GLN A 203 16.12 -7.08 -9.77
N HIS A 204 15.45 -7.58 -10.81
CA HIS A 204 14.05 -7.29 -11.03
C HIS A 204 13.20 -7.92 -9.94
N GLN A 205 13.51 -9.16 -9.56
CA GLN A 205 12.78 -9.82 -8.50
C GLN A 205 12.89 -9.08 -7.17
N ARG A 206 14.10 -8.65 -6.83
CA ARG A 206 14.35 -7.97 -5.55
C ARG A 206 13.70 -6.60 -5.53
N LEU A 207 13.80 -5.88 -6.64
CA LEU A 207 13.10 -4.60 -6.78
C LEU A 207 11.61 -4.75 -6.51
N ALA A 208 10.99 -5.78 -7.10
CA ALA A 208 9.59 -6.04 -6.85
C ALA A 208 9.35 -6.36 -5.37
N GLN A 209 10.21 -7.18 -4.79
CA GLN A 209 10.05 -7.60 -3.39
C GLN A 209 10.07 -6.39 -2.47
N LEU A 210 10.99 -5.47 -2.74
CA LEU A 210 11.12 -4.24 -1.96
C LEU A 210 9.90 -3.36 -2.12
N LEU A 211 9.46 -3.18 -3.36
CA LEU A 211 8.29 -2.32 -3.59
C LEU A 211 6.98 -2.89 -3.05
N LEU A 212 6.83 -4.20 -3.06
CA LEU A 212 5.63 -4.80 -2.49
C LEU A 212 5.52 -4.60 -0.99
N ILE A 213 6.67 -4.49 -0.32
CA ILE A 213 6.66 -4.17 1.10
C ILE A 213 6.00 -2.81 1.35
N LEU A 214 6.13 -1.89 0.40
CA LEU A 214 5.51 -0.57 0.56
C LEU A 214 3.99 -0.62 0.72
N SER A 215 3.40 -1.66 0.15
CA SER A 215 1.96 -1.85 0.24
C SER A 215 1.58 -2.23 1.67
N HIS A 216 2.38 -3.09 2.27
CA HIS A 216 2.18 -3.50 3.65
CA HIS A 216 2.19 -3.50 3.66
C HIS A 216 2.44 -2.33 4.60
N ILE A 217 3.41 -1.48 4.27
CA ILE A 217 3.65 -0.29 5.09
C ILE A 217 2.47 0.70 5.04
N ARG A 218 1.89 0.87 3.86
CA ARG A 218 0.70 1.70 3.71
C ARG A 218 -0.42 1.17 4.59
N HIS A 219 -0.59 -0.14 4.56
CA HIS A 219 -1.61 -0.79 5.36
C HIS A 219 -1.42 -0.54 6.86
N MET A 220 -0.17 -0.68 7.31
CA MET A 220 0.12 -0.48 8.73
C MET A 220 -0.15 0.97 9.12
N SER A 221 0.25 1.89 8.24
CA SER A 221 0.03 3.31 8.49
C SER A 221 -1.46 3.58 8.62
N ASN A 222 -2.25 3.04 7.70
CA ASN A 222 -3.70 3.22 7.80
C ASN A 222 -4.27 2.68 9.11
N LYS A 223 -3.85 1.47 9.50
CA LYS A 223 -4.29 0.91 10.76
C LYS A 223 -3.86 1.76 11.95
N GLY A 224 -2.62 2.23 11.94
CA GLY A 224 -2.10 3.06 13.01
C GLY A 224 -2.81 4.40 13.09
N MET A 225 -3.20 4.93 11.93
CA MET A 225 -3.88 6.20 11.85
C MET A 225 -5.22 6.14 12.55
N GLU A 226 -5.91 5.01 12.38
CA GLU A 226 -7.19 4.79 13.06
C GLU A 226 -7.04 4.54 14.56
N HIS A 227 -5.98 3.84 14.98
CA HIS A 227 -5.73 3.66 16.40
C HIS A 227 -5.39 5.01 17.03
N LEU A 228 -4.72 5.86 16.26
CA LEU A 228 -4.33 7.18 16.69
C LEU A 228 -5.57 8.04 16.89
N TYR A 229 -6.50 7.98 15.94
CA TYR A 229 -7.72 8.75 16.05
C TYR A 229 -8.53 8.28 17.26
N SER A 230 -8.58 6.97 17.45
CA SER A 230 -9.21 6.37 18.63
C SER A 230 -8.62 6.91 19.94
N MET A 231 -7.29 6.95 20.02
CA MET A 231 -6.60 7.45 21.19
C MET A 231 -6.96 8.90 21.47
N LYS A 232 -6.98 9.69 20.40
CA LYS A 232 -7.35 11.10 20.48
C LYS A 232 -8.67 11.24 21.24
N CYS A 233 -9.72 10.65 20.67
CA CYS A 233 -11.05 10.72 21.25
C CYS A 233 -11.09 10.23 22.70
N LYS A 234 -10.34 9.18 23.00
CA LYS A 234 -10.28 8.67 24.38
C LYS A 234 -9.59 9.67 25.30
N ASN A 235 -8.90 10.64 24.70
CA ASN A 235 -8.26 11.73 25.44
C ASN A 235 -7.54 11.34 26.74
N VAL A 236 -7.05 10.11 26.81
CA VAL A 236 -6.31 9.67 28.00
C VAL A 236 -4.80 9.79 27.79
N VAL A 237 -4.36 9.64 26.54
CA VAL A 237 -2.95 9.74 26.19
C VAL A 237 -2.66 11.07 25.50
N PRO A 238 -1.61 11.77 25.94
CA PRO A 238 -1.32 13.11 25.42
C PRO A 238 -0.82 13.09 23.98
N LEU A 239 -1.36 13.99 23.14
CA LEU A 239 -0.94 14.10 21.76
C LEU A 239 -0.52 15.53 21.45
N SER A 240 0.61 15.70 20.78
CA SER A 240 1.13 17.04 20.47
C SER A 240 0.32 17.73 19.39
N ASP A 241 0.43 19.04 19.29
CA ASP A 241 -0.33 19.81 18.30
C ASP A 241 0.04 19.46 16.86
N LEU A 242 1.31 19.15 16.63
CA LEU A 242 1.75 18.79 15.30
C LEU A 242 1.14 17.44 14.93
N LEU A 243 1.17 16.52 15.90
CA LEU A 243 0.65 15.18 15.69
C LEU A 243 -0.85 15.25 15.43
N LEU A 244 -1.54 16.07 16.23
CA LEU A 244 -2.96 16.30 16.05
C LEU A 244 -3.27 16.84 14.65
N GLU A 245 -2.50 17.84 14.20
CA GLU A 245 -2.70 18.36 12.85
C GLU A 245 -2.45 17.31 11.74
N MET A 246 -1.43 16.47 11.92
CA MET A 246 -1.13 15.43 10.95
C MET A 246 -2.32 14.49 10.89
N LEU A 247 -2.74 14.04 12.07
CA LEU A 247 -3.91 13.19 12.19
C LEU A 247 -5.09 13.74 11.39
N ASP A 248 -5.39 15.03 11.60
CA ASP A 248 -6.54 15.67 10.98
C ASP A 248 -6.46 15.69 9.46
N ALA A 249 -5.25 15.86 8.94
CA ALA A 249 -5.03 15.81 7.50
C ALA A 249 -5.63 14.54 6.88
N HIS A 250 -5.67 13.46 7.67
CA HIS A 250 -6.23 12.19 7.22
C HIS A 250 -7.71 12.07 7.55
N ARG A 251 -8.23 13.02 8.33
CA ARG A 251 -9.60 12.98 8.83
C ARG A 251 -9.80 11.81 9.79
N ASN B 7 5.97 -29.93 -4.06
CA ASN B 7 6.31 -29.00 -5.13
C ASN B 7 5.09 -28.55 -5.94
N SER B 8 5.00 -27.23 -6.15
CA SER B 8 3.88 -26.63 -6.86
C SER B 8 4.13 -26.55 -8.38
N LEU B 9 3.12 -26.94 -9.15
CA LEU B 9 3.21 -26.86 -10.61
C LEU B 9 3.44 -25.43 -11.10
N ALA B 10 3.01 -24.46 -10.30
CA ALA B 10 3.07 -23.06 -10.69
C ALA B 10 4.49 -22.66 -11.12
N LEU B 11 5.47 -23.14 -10.36
CA LEU B 11 6.86 -22.72 -10.55
C LEU B 11 7.47 -23.29 -11.83
N SER B 12 6.93 -24.40 -12.32
CA SER B 12 7.42 -24.99 -13.56
C SER B 12 6.89 -24.33 -14.83
N LEU B 13 5.83 -23.52 -14.69
CA LEU B 13 5.24 -22.86 -15.84
C LEU B 13 6.18 -21.84 -16.47
N THR B 14 6.13 -21.70 -17.79
CA THR B 14 6.86 -20.66 -18.49
C THR B 14 6.10 -19.35 -18.39
N ALA B 15 6.71 -18.25 -18.81
CA ALA B 15 6.06 -16.96 -18.78
C ALA B 15 4.76 -16.98 -19.58
N ASP B 16 4.80 -17.60 -20.76
CA ASP B 16 3.66 -17.67 -21.66
C ASP B 16 2.51 -18.48 -21.06
N GLN B 17 2.85 -19.59 -20.43
CA GLN B 17 1.85 -20.39 -19.73
C GLN B 17 1.22 -19.64 -18.56
N MET B 18 2.04 -18.87 -17.85
CA MET B 18 1.55 -18.04 -16.75
C MET B 18 0.53 -17.01 -17.24
N VAL B 19 0.93 -16.21 -18.22
CA VAL B 19 0.01 -15.28 -18.85
C VAL B 19 -1.29 -15.94 -19.32
N SER B 20 -1.19 -17.07 -20.04
CA SER B 20 -2.39 -17.72 -20.56
CA SER B 20 -2.39 -17.73 -20.56
C SER B 20 -3.26 -18.27 -19.43
N ALA B 21 -2.63 -18.85 -18.43
CA ALA B 21 -3.38 -19.34 -17.27
C ALA B 21 -4.21 -18.19 -16.68
N LEU B 22 -3.54 -17.08 -16.40
CA LEU B 22 -4.19 -15.90 -15.82
C LEU B 22 -5.25 -15.32 -16.76
N LEU B 23 -4.91 -15.17 -18.04
CA LEU B 23 -5.89 -14.68 -18.98
C LEU B 23 -7.13 -15.59 -18.95
N ASP B 24 -6.90 -16.90 -18.85
CA ASP B 24 -8.01 -17.86 -18.94
C ASP B 24 -8.86 -17.89 -17.66
N ALA B 25 -8.25 -17.56 -16.53
CA ALA B 25 -8.94 -17.54 -15.24
C ALA B 25 -9.81 -16.30 -15.06
N GLU B 26 -9.65 -15.31 -15.92
CA GLU B 26 -10.33 -14.03 -15.77
C GLU B 26 -11.81 -14.22 -15.52
N PRO B 27 -12.36 -13.50 -14.53
CA PRO B 27 -13.81 -13.60 -14.34
C PRO B 27 -14.53 -12.70 -15.33
N PRO B 28 -15.84 -12.88 -15.47
CA PRO B 28 -16.63 -12.08 -16.40
C PRO B 28 -16.98 -10.69 -15.88
N ILE B 29 -17.31 -9.79 -16.81
CA ILE B 29 -17.92 -8.52 -16.47
C ILE B 29 -19.41 -8.72 -16.16
N LEU B 30 -19.80 -8.42 -14.92
CA LEU B 30 -21.21 -8.58 -14.52
C LEU B 30 -22.00 -7.29 -14.76
N TYR B 31 -23.32 -7.43 -14.88
CA TYR B 31 -24.22 -6.30 -15.02
C TYR B 31 -24.86 -6.00 -13.66
N SER B 32 -25.31 -4.76 -13.51
CA SER B 32 -26.14 -4.33 -12.37
C SER B 32 -27.60 -4.41 -12.81
N GLU B 33 -28.49 -3.72 -12.09
CA GLU B 33 -29.91 -3.71 -12.41
C GLU B 33 -30.24 -2.93 -13.69
N TYR B 34 -31.20 -3.46 -14.45
CA TYR B 34 -31.65 -2.80 -15.68
C TYR B 34 -32.72 -1.75 -15.38
N ASP B 35 -32.78 -1.29 -14.14
CA ASP B 35 -33.63 -0.16 -13.79
C ASP B 35 -32.93 1.14 -14.19
N PRO B 36 -33.46 1.84 -15.21
CA PRO B 36 -32.87 3.09 -15.70
C PRO B 36 -33.17 4.25 -14.77
N PHE B 40 -30.62 8.71 -7.86
CA PHE B 40 -29.66 8.02 -7.01
C PHE B 40 -29.63 8.55 -5.58
N SER B 41 -30.09 7.72 -4.64
CA SER B 41 -29.93 8.02 -3.22
C SER B 41 -28.72 7.26 -2.69
N GLU B 42 -28.44 7.44 -1.39
CA GLU B 42 -27.40 6.69 -0.73
C GLU B 42 -27.78 5.22 -0.64
N ALA B 43 -29.00 4.96 -0.20
CA ALA B 43 -29.50 3.60 -0.12
C ALA B 43 -29.49 2.88 -1.47
N SER B 44 -29.98 3.56 -2.51
CA SER B 44 -30.09 2.92 -3.82
C SER B 44 -28.72 2.67 -4.44
N MET B 45 -27.83 3.64 -4.36
CA MET B 45 -26.51 3.46 -4.93
C MET B 45 -25.72 2.36 -4.21
N MET B 46 -25.68 2.44 -2.88
CA MET B 46 -24.97 1.44 -2.09
C MET B 46 -25.59 0.06 -2.23
N GLY B 47 -26.88 0.01 -2.51
CA GLY B 47 -27.57 -1.26 -2.69
C GLY B 47 -27.09 -1.95 -3.95
N LEU B 48 -26.99 -1.17 -5.03
CA LEU B 48 -26.44 -1.67 -6.29
C LEU B 48 -24.97 -2.09 -6.15
N LEU B 49 -24.19 -1.30 -5.43
CA LEU B 49 -22.77 -1.60 -5.35
C LEU B 49 -22.48 -2.85 -4.53
N THR B 50 -23.20 -3.03 -3.41
CA THR B 50 -22.98 -4.19 -2.58
C THR B 50 -23.56 -5.44 -3.23
N ASN B 51 -24.67 -5.29 -3.95
CA ASN B 51 -25.21 -6.42 -4.72
C ASN B 51 -24.19 -6.88 -5.77
N LEU B 52 -23.67 -5.91 -6.50
CA LEU B 52 -22.67 -6.18 -7.52
C LEU B 52 -21.43 -6.81 -6.89
N ALA B 53 -20.96 -6.21 -5.79
CA ALA B 53 -19.77 -6.72 -5.13
C ALA B 53 -19.98 -8.17 -4.73
N ASP B 54 -21.16 -8.47 -4.21
CA ASP B 54 -21.42 -9.80 -3.68
C ASP B 54 -21.33 -10.82 -4.82
N ARG B 55 -21.93 -10.47 -5.95
CA ARG B 55 -21.87 -11.35 -7.11
C ARG B 55 -20.44 -11.48 -7.65
N GLU B 56 -19.69 -10.37 -7.69
CA GLU B 56 -18.30 -10.43 -8.12
C GLU B 56 -17.42 -11.28 -7.20
N LEU B 57 -17.75 -11.31 -5.93
CA LEU B 57 -16.97 -12.09 -4.96
C LEU B 57 -17.05 -13.57 -5.25
N VAL B 58 -18.23 -14.05 -5.61
CA VAL B 58 -18.36 -15.46 -5.94
C VAL B 58 -17.45 -15.77 -7.11
N HIS B 59 -17.43 -14.90 -8.12
CA HIS B 59 -16.55 -15.14 -9.26
C HIS B 59 -15.08 -15.02 -8.87
N MET B 60 -14.76 -14.05 -8.02
CA MET B 60 -13.38 -13.88 -7.57
C MET B 60 -12.84 -15.11 -6.85
N ILE B 61 -13.68 -15.72 -6.01
CA ILE B 61 -13.25 -16.91 -5.25
C ILE B 61 -12.90 -18.04 -6.21
N ASN B 62 -13.71 -18.18 -7.25
CA ASN B 62 -13.42 -19.19 -8.26
C ASN B 62 -12.27 -18.79 -9.20
N TRP B 63 -12.10 -17.49 -9.42
CA TRP B 63 -10.92 -17.01 -10.13
C TRP B 63 -9.62 -17.29 -9.34
N ALA B 64 -9.65 -17.06 -8.03
CA ALA B 64 -8.42 -17.21 -7.23
C ALA B 64 -7.88 -18.64 -7.26
N LYS B 65 -8.79 -19.61 -7.23
CA LYS B 65 -8.43 -21.03 -7.28
C LYS B 65 -7.67 -21.39 -8.56
N ARG B 66 -7.82 -20.54 -9.57
CA ARG B 66 -7.16 -20.76 -10.85
C ARG B 66 -5.88 -19.95 -11.04
N VAL B 67 -5.52 -19.13 -10.06
CA VAL B 67 -4.24 -18.44 -10.10
C VAL B 67 -3.18 -19.49 -9.75
N PRO B 68 -2.19 -19.70 -10.62
CA PRO B 68 -1.21 -20.76 -10.32
C PRO B 68 -0.54 -20.55 -8.97
N GLY B 69 -0.42 -21.63 -8.19
CA GLY B 69 0.21 -21.57 -6.89
C GLY B 69 -0.77 -21.39 -5.75
N PHE B 70 -1.94 -20.82 -6.04
CA PHE B 70 -2.92 -20.53 -5.01
C PHE B 70 -3.53 -21.78 -4.37
N VAL B 71 -3.89 -22.79 -5.16
CA VAL B 71 -4.50 -23.98 -4.58
CA VAL B 71 -4.50 -23.99 -4.60
C VAL B 71 -3.51 -24.86 -3.83
N ASP B 72 -2.22 -24.64 -4.08
CA ASP B 72 -1.18 -25.41 -3.38
C ASP B 72 -1.09 -25.01 -1.91
N LEU B 73 -1.68 -23.86 -1.57
CA LEU B 73 -1.71 -23.38 -0.20
C LEU B 73 -2.79 -24.12 0.58
N THR B 74 -2.68 -24.13 1.91
CA THR B 74 -3.72 -24.74 2.72
C THR B 74 -5.00 -23.90 2.60
N LEU B 75 -6.14 -24.52 2.85
CA LEU B 75 -7.41 -23.79 2.83
C LEU B 75 -7.34 -22.56 3.71
N HIS B 76 -6.73 -22.69 4.89
CA HIS B 76 -6.69 -21.59 5.84
C HIS B 76 -5.92 -20.41 5.27
N ASP B 77 -4.84 -20.69 4.55
CA ASP B 77 -4.07 -19.64 3.92
C ASP B 77 -4.83 -19.02 2.75
N GLN B 78 -5.57 -19.83 2.02
CA GLN B 78 -6.37 -19.32 0.91
C GLN B 78 -7.41 -18.33 1.42
N VAL B 79 -8.06 -18.69 2.53
CA VAL B 79 -9.04 -17.83 3.17
C VAL B 79 -8.41 -16.53 3.63
N HIS B 80 -7.23 -16.65 4.26
CA HIS B 80 -6.53 -15.48 4.75
C HIS B 80 -6.23 -14.50 3.63
N LEU B 81 -5.71 -15.01 2.53
CA LEU B 81 -5.33 -14.11 1.44
C LEU B 81 -6.53 -13.39 0.82
N LEU B 82 -7.62 -14.12 0.62
CA LEU B 82 -8.81 -13.52 0.01
C LEU B 82 -9.45 -12.52 0.96
N GLU B 83 -9.47 -12.86 2.24
CA GLU B 83 -10.01 -11.96 3.26
C GLU B 83 -9.26 -10.63 3.26
N CSO B 84 -7.94 -10.70 3.13
CA CSO B 84 -7.12 -9.50 3.15
CA CSO B 84 -7.10 -9.50 3.13
CB CSO B 84 -5.66 -9.85 3.46
CB CSO B 84 -5.62 -9.90 3.33
SG CSO B 84 -4.59 -8.42 3.26
SG CSO B 84 -5.37 -10.49 5.01
C CSO B 84 -7.25 -8.70 1.84
O CSO B 84 -7.32 -7.48 1.86
OD CSO B 84 -4.82 -7.30 4.63
OD CSO B 84 -5.54 -9.10 6.12
N ALA B 85 -7.30 -9.41 0.72
CA ALA B 85 -7.22 -8.80 -0.60
C ALA B 85 -8.54 -8.49 -1.33
N TRP B 86 -9.68 -8.96 -0.83
CA TRP B 86 -10.87 -8.97 -1.68
C TRP B 86 -11.24 -7.56 -2.19
N LEU B 87 -11.16 -6.54 -1.33
CA LEU B 87 -11.61 -5.23 -1.78
C LEU B 87 -10.61 -4.61 -2.76
N GLU B 88 -9.32 -4.82 -2.51
CA GLU B 88 -8.29 -4.40 -3.45
C GLU B 88 -8.52 -4.99 -4.84
N ILE B 89 -8.87 -6.26 -4.87
CA ILE B 89 -9.12 -6.95 -6.14
C ILE B 89 -10.36 -6.41 -6.87
N LEU B 90 -11.44 -6.18 -6.14
CA LEU B 90 -12.62 -5.54 -6.71
C LEU B 90 -12.25 -4.18 -7.28
N MET B 91 -11.49 -3.41 -6.51
CA MET B 91 -11.08 -2.07 -6.94
C MET B 91 -10.17 -2.04 -8.16
N ILE B 92 -9.14 -2.87 -8.21
CA ILE B 92 -8.28 -2.84 -9.39
C ILE B 92 -9.07 -3.28 -10.65
N GLY B 93 -9.99 -4.22 -10.48
CA GLY B 93 -10.86 -4.64 -11.57
C GLY B 93 -11.73 -3.50 -12.05
N LEU B 94 -12.37 -2.80 -11.11
CA LEU B 94 -13.14 -1.59 -11.43
C LEU B 94 -12.32 -0.55 -12.18
N VAL B 95 -11.12 -0.26 -11.66
CA VAL B 95 -10.22 0.69 -12.30
C VAL B 95 -9.86 0.28 -13.73
N TRP B 96 -9.52 -1.00 -13.91
CA TRP B 96 -9.22 -1.55 -15.23
C TRP B 96 -10.39 -1.37 -16.21
N ARG B 97 -11.60 -1.68 -15.75
CA ARG B 97 -12.80 -1.55 -16.57
C ARG B 97 -13.08 -0.12 -16.97
N SER B 98 -12.65 0.82 -16.12
CA SER B 98 -12.97 2.24 -16.27
C SER B 98 -11.89 2.95 -17.07
N MET B 99 -10.84 2.22 -17.40
CA MET B 99 -9.66 2.84 -17.98
C MET B 99 -9.97 3.59 -19.28
N GLU B 100 -10.81 3.01 -20.12
CA GLU B 100 -11.11 3.63 -21.40
C GLU B 100 -12.24 4.65 -21.26
N HIS B 101 -12.69 4.89 -20.03
CA HIS B 101 -13.75 5.86 -19.75
C HIS B 101 -13.33 6.99 -18.83
N PRO B 102 -12.42 7.86 -19.31
CA PRO B 102 -11.91 8.96 -18.47
C PRO B 102 -13.03 9.74 -17.78
N GLY B 103 -12.91 9.89 -16.46
CA GLY B 103 -13.88 10.65 -15.68
C GLY B 103 -15.03 9.81 -15.16
N LYS B 104 -15.06 8.53 -15.54
CA LYS B 104 -16.17 7.66 -15.13
C LYS B 104 -15.67 6.38 -14.47
N LEU B 105 -16.48 5.84 -13.55
CA LEU B 105 -16.22 4.50 -13.02
C LEU B 105 -17.22 3.50 -13.60
N LEU B 106 -16.70 2.56 -14.37
CA LEU B 106 -17.55 1.53 -14.96
C LEU B 106 -17.74 0.37 -13.98
N PHE B 107 -18.66 0.54 -13.03
CA PHE B 107 -18.97 -0.52 -12.09
C PHE B 107 -19.52 -1.71 -12.85
N ALA B 108 -20.47 -1.42 -13.75
CA ALA B 108 -20.93 -2.39 -14.74
C ALA B 108 -21.17 -1.65 -16.04
N PRO B 109 -21.25 -2.39 -17.15
CA PRO B 109 -21.57 -1.77 -18.44
C PRO B 109 -22.82 -0.88 -18.34
N ASN B 110 -23.77 -1.27 -17.51
CA ASN B 110 -24.99 -0.49 -17.38
C ASN B 110 -25.02 0.26 -16.06
N LEU B 111 -23.83 0.52 -15.52
CA LEU B 111 -23.70 1.35 -14.34
C LEU B 111 -22.37 2.09 -14.43
N LEU B 112 -22.36 3.14 -15.25
CA LEU B 112 -21.14 3.90 -15.48
C LEU B 112 -21.26 5.27 -14.80
N LEU B 113 -20.67 5.38 -13.61
CA LEU B 113 -20.89 6.52 -12.72
C LEU B 113 -19.79 7.59 -12.74
N ASP B 114 -20.14 8.79 -12.29
CA ASP B 114 -19.14 9.85 -12.21
C ASP B 114 -19.06 10.48 -10.81
N ARG B 115 -18.08 11.36 -10.63
CA ARG B 115 -17.80 11.94 -9.33
C ARG B 115 -19.08 12.46 -8.69
N ASN B 116 -19.92 13.12 -9.49
CA ASN B 116 -21.12 13.78 -8.96
C ASN B 116 -22.05 12.86 -8.18
N GLN B 117 -22.11 11.60 -8.60
CA GLN B 117 -23.01 10.64 -7.97
C GLN B 117 -22.41 10.08 -6.69
N GLY B 118 -21.09 10.19 -6.58
CA GLY B 118 -20.41 9.83 -5.34
C GLY B 118 -20.82 10.74 -4.21
N LYS B 119 -21.14 12.00 -4.52
CA LYS B 119 -21.57 12.97 -3.50
C LYS B 119 -22.82 12.49 -2.79
N CSO B 120 -23.63 11.70 -3.48
CA CSO B 120 -24.89 11.20 -2.95
CB CSO B 120 -25.69 10.51 -4.06
SG CSO B 120 -26.80 11.77 -4.76
C CSO B 120 -24.73 10.28 -1.74
O CSO B 120 -25.52 10.35 -0.80
OD CSO B 120 -25.90 13.23 -5.26
N VAL B 121 -23.72 9.42 -1.77
CA VAL B 121 -23.37 8.65 -0.58
C VAL B 121 -22.37 9.46 0.24
N GLU B 122 -22.56 9.47 1.55
CA GLU B 122 -21.68 10.23 2.44
C GLU B 122 -20.32 9.55 2.61
N GLY B 123 -19.26 10.24 2.21
CA GLY B 123 -17.92 9.71 2.33
C GLY B 123 -17.54 8.84 1.14
N MET B 124 -18.20 9.06 0.02
CA MET B 124 -17.98 8.25 -1.16
C MET B 124 -17.21 8.99 -2.26
N VAL B 125 -17.42 10.30 -2.35
CA VAL B 125 -16.76 11.07 -3.40
C VAL B 125 -15.22 11.00 -3.25
N GLU B 126 -14.73 10.94 -2.02
CA GLU B 126 -13.30 10.82 -1.76
C GLU B 126 -12.74 9.53 -2.37
N ILE B 127 -13.41 8.42 -2.11
CA ILE B 127 -12.98 7.13 -2.68
C ILE B 127 -13.12 7.16 -4.19
N PHE B 128 -14.20 7.77 -4.65
CA PHE B 128 -14.42 7.90 -6.08
C PHE B 128 -13.25 8.62 -6.74
N ASP B 129 -12.82 9.72 -6.15
CA ASP B 129 -11.75 10.51 -6.75
C ASP B 129 -10.42 9.75 -6.79
N MET B 130 -10.17 8.93 -5.78
CA MET B 130 -8.97 8.08 -5.78
C MET B 130 -9.05 7.04 -6.89
N LEU B 131 -10.21 6.40 -7.00
CA LEU B 131 -10.42 5.39 -8.04
C LEU B 131 -10.19 6.00 -9.41
N LEU B 132 -10.77 7.18 -9.65
CA LEU B 132 -10.65 7.84 -10.94
C LEU B 132 -9.23 8.21 -11.29
N ALA B 133 -8.49 8.70 -10.30
CA ALA B 133 -7.08 9.04 -10.52
C ALA B 133 -6.23 7.80 -10.84
N THR B 134 -6.51 6.68 -10.17
CA THR B 134 -5.80 5.44 -10.47
C THR B 134 -6.13 5.01 -11.90
N SER B 135 -7.39 5.16 -12.27
CA SER B 135 -7.80 4.77 -13.62
C SER B 135 -7.04 5.62 -14.64
N SER B 136 -7.00 6.93 -14.40
CA SER B 136 -6.30 7.82 -15.30
C SER B 136 -4.83 7.44 -15.38
N ARG B 137 -4.25 7.08 -14.24
CA ARG B 137 -2.84 6.72 -14.18
C ARG B 137 -2.59 5.50 -15.06
N PHE B 138 -3.42 4.48 -14.89
CA PHE B 138 -3.33 3.27 -15.73
C PHE B 138 -3.48 3.63 -17.21
N ARG B 139 -4.44 4.48 -17.52
CA ARG B 139 -4.65 4.89 -18.92
C ARG B 139 -3.40 5.59 -19.48
N MET B 140 -2.86 6.54 -18.73
CA MET B 140 -1.68 7.26 -19.20
C MET B 140 -0.47 6.35 -19.35
N MET B 141 -0.43 5.27 -18.57
CA MET B 141 0.67 4.29 -18.68
C MET B 141 0.41 3.27 -19.77
N ASN B 142 -0.77 3.32 -20.37
CA ASN B 142 -1.16 2.35 -21.39
CA ASN B 142 -1.17 2.36 -21.39
C ASN B 142 -1.04 0.94 -20.84
N LEU B 143 -1.66 0.70 -19.69
CA LEU B 143 -1.62 -0.60 -19.05
C LEU B 143 -2.29 -1.63 -19.95
N GLN B 144 -1.63 -2.78 -20.11
CA GLN B 144 -2.12 -3.84 -20.98
C GLN B 144 -2.85 -4.92 -20.19
N GLY B 145 -3.82 -5.58 -20.82
CA GLY B 145 -4.57 -6.64 -20.17
C GLY B 145 -3.67 -7.68 -19.51
N GLU B 146 -2.58 -8.03 -20.17
CA GLU B 146 -1.67 -9.04 -19.64
C GLU B 146 -0.94 -8.53 -18.38
N GLU B 147 -0.61 -7.25 -18.36
CA GLU B 147 0.02 -6.65 -17.19
C GLU B 147 -1.01 -6.55 -16.07
N PHE B 148 -2.25 -6.21 -16.43
CA PHE B 148 -3.33 -6.11 -15.46
C PHE B 148 -3.55 -7.41 -14.70
N VAL B 149 -3.59 -8.54 -15.41
CA VAL B 149 -3.87 -9.80 -14.73
C VAL B 149 -2.71 -10.23 -13.81
N CYS B 150 -1.47 -9.96 -14.21
CA CYS B 150 -0.33 -10.16 -13.31
C CYS B 150 -0.46 -9.32 -12.04
N LEU B 151 -0.79 -8.04 -12.20
CA LEU B 151 -0.93 -7.12 -11.07
C LEU B 151 -2.00 -7.62 -10.11
N LYS B 152 -3.13 -8.06 -10.68
CA LYS B 152 -4.23 -8.52 -9.85
C LYS B 152 -3.88 -9.77 -9.02
N SER B 153 -3.16 -10.71 -9.62
CA SER B 153 -2.74 -11.91 -8.92
CA SER B 153 -2.72 -11.91 -8.92
C SER B 153 -1.65 -11.59 -7.87
N ILE B 154 -0.81 -10.60 -8.17
CA ILE B 154 0.19 -10.13 -7.21
C ILE B 154 -0.51 -9.62 -5.95
N ILE B 155 -1.58 -8.85 -6.12
CA ILE B 155 -2.37 -8.38 -4.97
C ILE B 155 -2.90 -9.55 -4.14
N LEU B 156 -3.46 -10.56 -4.81
CA LEU B 156 -4.02 -11.70 -4.11
C LEU B 156 -2.97 -12.40 -3.23
N LEU B 157 -1.79 -12.60 -3.78
CA LEU B 157 -0.74 -13.32 -3.07
C LEU B 157 0.02 -12.45 -2.07
N ASN B 158 0.13 -11.15 -2.36
CA ASN B 158 0.99 -10.27 -1.56
C ASN B 158 0.31 -9.68 -0.33
N SER B 159 -0.95 -9.31 -0.47
CA SER B 159 -1.55 -8.43 0.52
C SER B 159 -1.58 -9.02 1.92
N GLY B 160 -1.91 -10.31 2.00
CA GLY B 160 -1.95 -10.97 3.30
C GLY B 160 -0.72 -11.78 3.67
N VAL B 161 0.32 -11.74 2.84
CA VAL B 161 1.45 -12.62 3.01
C VAL B 161 2.29 -12.36 4.28
N TYR B 162 2.31 -11.12 4.75
CA TYR B 162 3.14 -10.76 5.91
C TYR B 162 2.39 -10.92 7.21
N THR B 163 1.07 -11.03 7.11
CA THR B 163 0.24 -11.31 8.27
C THR B 163 0.12 -12.82 8.43
N PHE B 164 1.16 -13.51 7.96
CA PHE B 164 1.28 -14.95 8.10
C PHE B 164 2.08 -15.28 9.35
N GLU B 174 6.07 -22.38 2.25
CA GLU B 174 4.73 -21.85 2.49
C GLU B 174 4.73 -20.37 2.16
N LYS B 175 5.28 -19.58 3.07
CA LYS B 175 5.55 -18.17 2.81
C LYS B 175 6.55 -18.10 1.66
N ASP B 176 7.51 -19.02 1.70
CA ASP B 176 8.51 -19.12 0.65
CA ASP B 176 8.51 -19.12 0.65
C ASP B 176 7.81 -19.40 -0.67
N HIS B 177 6.88 -20.35 -0.65
CA HIS B 177 6.08 -20.69 -1.82
C HIS B 177 5.43 -19.42 -2.39
N ILE B 178 4.79 -18.64 -1.53
CA ILE B 178 4.09 -17.45 -2.01
C ILE B 178 5.07 -16.49 -2.64
N HIS B 179 6.21 -16.33 -1.96
CA HIS B 179 7.30 -15.50 -2.47
C HIS B 179 7.92 -16.03 -3.74
N ARG B 180 8.09 -17.35 -3.86
CA ARG B 180 8.56 -17.90 -5.13
C ARG B 180 7.55 -17.65 -6.25
N VAL B 181 6.27 -17.78 -5.95
CA VAL B 181 5.25 -17.52 -6.97
C VAL B 181 5.21 -16.04 -7.31
N LEU B 182 5.37 -15.18 -6.31
CA LEU B 182 5.43 -13.73 -6.56
C LEU B 182 6.56 -13.37 -7.53
N ASP B 183 7.74 -13.95 -7.29
CA ASP B 183 8.89 -13.82 -8.20
C ASP B 183 8.56 -14.29 -9.61
N LYS B 184 7.89 -15.43 -9.70
CA LYS B 184 7.43 -15.92 -10.99
C LYS B 184 6.54 -14.89 -11.72
N ILE B 185 5.64 -14.24 -10.99
CA ILE B 185 4.82 -13.19 -11.62
C ILE B 185 5.63 -11.96 -12.01
N THR B 186 6.63 -11.59 -11.18
CA THR B 186 7.57 -10.56 -11.59
C THR B 186 8.24 -10.93 -12.92
N ASP B 187 8.77 -12.15 -13.00
CA ASP B 187 9.42 -12.63 -14.22
C ASP B 187 8.45 -12.48 -15.39
N THR B 188 7.19 -12.81 -15.15
CA THR B 188 6.17 -12.74 -16.17
C THR B 188 5.93 -11.30 -16.65
N LEU B 189 5.86 -10.35 -15.71
CA LEU B 189 5.70 -8.93 -16.06
C LEU B 189 6.83 -8.42 -16.95
N ILE B 190 8.07 -8.62 -16.50
CA ILE B 190 9.25 -8.26 -17.27
C ILE B 190 9.17 -8.91 -18.68
N HIS B 191 8.87 -10.21 -18.70
CA HIS B 191 8.70 -10.95 -19.97
C HIS B 191 7.80 -10.16 -20.91
N LEU B 192 6.60 -9.81 -20.45
CA LEU B 192 5.67 -9.00 -21.24
C LEU B 192 6.25 -7.65 -21.69
N MET B 193 7.00 -6.99 -20.81
CA MET B 193 7.58 -5.70 -21.17
C MET B 193 8.72 -5.83 -22.18
N ALA B 194 9.52 -6.87 -22.04
CA ALA B 194 10.54 -7.16 -23.03
C ALA B 194 9.83 -7.48 -24.36
N LYS B 195 8.80 -8.30 -24.28
CA LYS B 195 8.03 -8.71 -25.46
C LYS B 195 7.42 -7.51 -26.17
N ALA B 196 7.06 -6.49 -25.41
CA ALA B 196 6.49 -5.29 -26.03
C ALA B 196 7.58 -4.36 -26.54
N GLY B 197 8.83 -4.80 -26.47
CA GLY B 197 9.94 -4.04 -27.00
C GLY B 197 10.58 -2.97 -26.13
N LEU B 198 10.29 -2.99 -24.83
CA LEU B 198 10.83 -1.97 -23.94
C LEU B 198 12.32 -2.20 -23.67
N THR B 199 13.09 -1.12 -23.61
CA THR B 199 14.50 -1.24 -23.22
C THR B 199 14.59 -1.72 -21.77
N LEU B 200 15.79 -2.15 -21.39
CA LEU B 200 16.06 -2.63 -20.03
C LEU B 200 15.60 -1.63 -18.97
N GLN B 201 16.04 -0.39 -19.13
CA GLN B 201 15.73 0.68 -18.19
C GLN B 201 14.22 0.95 -18.16
N GLN B 202 13.58 0.89 -19.32
CA GLN B 202 12.14 1.08 -19.39
C GLN B 202 11.40 -0.06 -18.67
N GLN B 203 11.92 -1.26 -18.80
CA GLN B 203 11.35 -2.42 -18.11
C GLN B 203 11.36 -2.23 -16.58
N HIS B 204 12.54 -1.97 -16.00
CA HIS B 204 12.61 -1.81 -14.55
C HIS B 204 11.84 -0.58 -14.04
N GLN B 205 11.90 0.52 -14.77
CA GLN B 205 11.12 1.71 -14.41
C GLN B 205 9.60 1.43 -14.44
N ARG B 206 9.16 0.69 -15.45
CA ARG B 206 7.74 0.40 -15.58
C ARG B 206 7.30 -0.56 -14.50
N LEU B 207 8.13 -1.57 -14.23
CA LEU B 207 7.83 -2.50 -13.14
C LEU B 207 7.60 -1.74 -11.85
N ALA B 208 8.51 -0.80 -11.54
CA ALA B 208 8.40 -0.01 -10.32
C ALA B 208 7.13 0.82 -10.29
N GLN B 209 6.87 1.53 -11.38
CA GLN B 209 5.66 2.35 -11.50
C GLN B 209 4.38 1.57 -11.21
N LEU B 210 4.30 0.35 -11.73
CA LEU B 210 3.10 -0.46 -11.58
C LEU B 210 2.98 -0.93 -10.15
N LEU B 211 4.08 -1.41 -9.60
CA LEU B 211 4.05 -1.89 -8.22
C LEU B 211 3.73 -0.78 -7.20
N LEU B 212 4.23 0.43 -7.44
CA LEU B 212 3.91 1.56 -6.55
C LEU B 212 2.43 1.92 -6.54
N ILE B 213 1.75 1.66 -7.64
CA ILE B 213 0.31 1.88 -7.69
C ILE B 213 -0.43 0.92 -6.75
N LEU B 214 0.19 -0.24 -6.49
CA LEU B 214 -0.41 -1.20 -5.57
C LEU B 214 -0.52 -0.64 -4.14
N SER B 215 0.42 0.21 -3.77
CA SER B 215 0.32 0.93 -2.51
C SER B 215 -0.92 1.84 -2.42
N HIS B 216 -1.21 2.55 -3.51
CA HIS B 216 -2.41 3.38 -3.58
CA HIS B 216 -2.41 3.37 -3.57
C HIS B 216 -3.67 2.51 -3.56
N ILE B 217 -3.64 1.38 -4.25
CA ILE B 217 -4.78 0.49 -4.21
C ILE B 217 -5.00 -0.02 -2.78
N ARG B 218 -3.93 -0.29 -2.04
CA ARG B 218 -4.09 -0.72 -0.67
C ARG B 218 -4.80 0.40 0.11
N HIS B 219 -4.35 1.63 -0.12
CA HIS B 219 -4.89 2.79 0.59
C HIS B 219 -6.38 2.91 0.33
N MET B 220 -6.77 2.81 -0.94
CA MET B 220 -8.18 2.89 -1.31
C MET B 220 -9.03 1.80 -0.65
N SER B 221 -8.50 0.59 -0.61
CA SER B 221 -9.17 -0.53 0.03
C SER B 221 -9.37 -0.25 1.51
N ASN B 222 -8.34 0.25 2.17
CA ASN B 222 -8.45 0.57 3.58
C ASN B 222 -9.55 1.60 3.83
N LYS B 223 -9.60 2.64 3.01
CA LYS B 223 -10.66 3.65 3.11
C LYS B 223 -12.06 3.10 2.78
N GLY B 224 -12.13 2.29 1.71
CA GLY B 224 -13.39 1.65 1.35
C GLY B 224 -13.89 0.73 2.45
N MET B 225 -12.97 0.06 3.13
CA MET B 225 -13.35 -0.84 4.23
C MET B 225 -13.97 -0.07 5.39
N GLU B 226 -13.36 1.06 5.75
CA GLU B 226 -13.93 1.95 6.75
C GLU B 226 -15.32 2.42 6.36
N HIS B 227 -15.48 2.83 5.10
CA HIS B 227 -16.76 3.28 4.61
C HIS B 227 -17.81 2.18 4.69
N LEU B 228 -17.41 0.96 4.37
CA LEU B 228 -18.33 -0.17 4.36
C LEU B 228 -18.76 -0.45 5.79
N TYR B 229 -17.83 -0.29 6.71
CA TYR B 229 -18.11 -0.55 8.10
C TYR B 229 -19.13 0.46 8.66
N SER B 230 -18.89 1.75 8.42
CA SER B 230 -19.82 2.76 8.89
C SER B 230 -21.19 2.49 8.26
N MET B 231 -21.18 2.16 6.97
CA MET B 231 -22.40 1.85 6.24
CA MET B 231 -22.42 1.86 6.26
C MET B 231 -23.11 0.65 6.87
N LYS B 232 -22.34 -0.32 7.35
CA LYS B 232 -22.90 -1.46 8.04
C LYS B 232 -23.56 -1.02 9.36
N CSO B 233 -22.82 -0.24 10.13
CA CSO B 233 -23.32 0.33 11.39
CB CSO B 233 -22.23 1.15 12.10
SG CSO B 233 -20.75 0.14 12.37
C CSO B 233 -24.58 1.17 11.20
O CSO B 233 -25.49 1.12 12.01
OD CSO B 233 -21.10 -1.21 13.49
N LYS B 234 -24.61 1.95 10.12
CA LYS B 234 -25.78 2.77 9.82
C LYS B 234 -26.94 1.89 9.34
N ASN B 235 -26.73 0.57 9.37
CA ASN B 235 -27.74 -0.41 8.97
C ASN B 235 -28.64 0.09 7.83
N VAL B 236 -28.04 0.80 6.88
CA VAL B 236 -28.74 1.43 5.78
C VAL B 236 -29.22 0.42 4.73
N VAL B 237 -28.27 -0.21 4.05
CA VAL B 237 -28.58 -1.27 3.10
C VAL B 237 -28.23 -2.61 3.71
N PRO B 238 -29.05 -3.64 3.44
CA PRO B 238 -28.67 -4.98 3.91
C PRO B 238 -27.39 -5.43 3.21
N LEU B 239 -26.56 -6.18 3.93
CA LEU B 239 -25.36 -6.75 3.33
C LEU B 239 -25.49 -8.26 3.39
N SER B 240 -25.11 -8.95 2.32
CA SER B 240 -25.12 -10.40 2.33
C SER B 240 -24.27 -10.92 3.48
N ASP B 241 -24.54 -12.13 3.95
CA ASP B 241 -23.71 -12.76 4.94
C ASP B 241 -22.27 -12.92 4.46
N LEU B 242 -22.08 -13.14 3.15
CA LEU B 242 -20.74 -13.22 2.58
C LEU B 242 -19.96 -11.90 2.72
N LEU B 243 -20.55 -10.82 2.23
CA LEU B 243 -19.91 -9.52 2.28
C LEU B 243 -19.64 -9.13 3.74
N LEU B 244 -20.54 -9.50 4.63
CA LEU B 244 -20.36 -9.20 6.05
C LEU B 244 -19.21 -9.97 6.66
N GLU B 245 -18.99 -11.19 6.17
CA GLU B 245 -17.89 -11.99 6.68
C GLU B 245 -16.54 -11.49 6.14
N MET B 246 -16.50 -11.12 4.86
CA MET B 246 -15.33 -10.52 4.27
C MET B 246 -14.95 -9.20 4.96
N LEU B 247 -15.96 -8.38 5.26
CA LEU B 247 -15.76 -7.13 5.97
C LEU B 247 -15.30 -7.35 7.41
N ASP B 248 -15.93 -8.29 8.09
CA ASP B 248 -15.62 -8.54 9.49
C ASP B 248 -14.16 -8.98 9.68
N ALA B 249 -13.60 -9.63 8.67
CA ALA B 249 -12.21 -10.11 8.71
C ALA B 249 -11.20 -8.98 8.90
N HIS B 250 -11.58 -7.76 8.53
CA HIS B 250 -10.71 -6.62 8.72
C HIS B 250 -10.88 -5.97 10.09
N ARG B 251 -11.56 -6.68 10.99
CA ARG B 251 -11.64 -6.30 12.40
C ARG B 251 -12.17 -4.89 12.63
N LYS C 3 -1.01 25.98 9.50
CA LYS C 3 -0.51 24.64 9.82
C LYS C 3 0.92 24.70 10.36
N ILE C 4 1.14 24.00 11.47
CA ILE C 4 2.50 23.87 12.01
C ILE C 4 3.43 23.32 10.95
N LEU C 5 3.00 22.23 10.31
CA LEU C 5 3.78 21.62 9.26
C LEU C 5 4.13 22.62 8.15
N HIS C 6 3.16 23.42 7.74
CA HIS C 6 3.41 24.39 6.68
C HIS C 6 4.50 25.38 7.13
N ARG C 7 4.41 25.80 8.38
CA ARG C 7 5.38 26.71 8.96
C ARG C 7 6.78 26.09 8.96
N LEU C 8 6.89 24.94 9.61
CA LEU C 8 8.17 24.25 9.75
C LEU C 8 8.83 23.99 8.40
N LEU C 9 8.02 23.80 7.37
CA LEU C 9 8.53 23.60 6.01
C LEU C 9 9.15 24.88 5.43
N GLN C 10 8.72 26.04 5.93
CA GLN C 10 9.32 27.32 5.54
C GLN C 10 10.55 27.65 6.38
N GLU C 11 10.42 27.55 7.69
CA GLU C 11 11.55 27.78 8.60
C GLU C 11 12.50 26.59 8.57
N LYS D 3 -17.33 -20.60 8.12
CA LYS D 3 -17.50 -19.36 7.36
C LYS D 3 -17.87 -19.68 5.92
N ILE D 4 -18.61 -18.77 5.29
CA ILE D 4 -19.08 -19.00 3.93
C ILE D 4 -17.91 -19.17 2.96
N LEU D 5 -16.90 -18.32 3.12
CA LEU D 5 -15.72 -18.39 2.27
C LEU D 5 -15.10 -19.79 2.27
N HIS D 6 -15.04 -20.43 3.44
CA HIS D 6 -14.46 -21.76 3.55
C HIS D 6 -15.22 -22.71 2.63
N ARG D 7 -16.54 -22.67 2.74
CA ARG D 7 -17.38 -23.55 1.94
C ARG D 7 -17.23 -23.24 0.46
N LEU D 8 -17.16 -21.96 0.11
CA LEU D 8 -17.07 -21.60 -1.31
C LEU D 8 -15.72 -21.98 -1.89
N LEU D 9 -14.67 -21.84 -1.08
CA LEU D 9 -13.34 -22.25 -1.52
C LEU D 9 -13.28 -23.76 -1.79
N GLN D 10 -14.16 -24.50 -1.13
CA GLN D 10 -14.20 -25.96 -1.26
C GLN D 10 -15.16 -26.44 -2.34
N GLU D 11 -16.19 -25.65 -2.60
CA GLU D 11 -17.23 -26.03 -3.57
C GLU D 11 -16.69 -26.07 -4.99
CAA 27K E . -0.13 4.75 16.19
CAH 27K E . 1.28 4.40 16.67
CAI 27K E . 1.63 3.00 16.17
CAJ 27K E . 3.02 2.54 16.61
OAK 27K E . 4.14 3.32 16.15
CAL 27K E . 4.52 4.42 16.86
OAB 27K E . 3.87 4.94 17.76
CAN 27K E . 5.76 4.93 16.44
CAF 27K E . 6.39 6.00 17.07
CAD 27K E . 7.64 6.42 16.63
CAM 27K E . 8.23 5.76 15.55
OAC 27K E . 9.44 6.11 15.07
CAE 27K E . 7.60 4.69 14.93
CAG 27K E . 6.38 4.27 15.39
C1 GOL F . 21.46 3.12 8.65
O1 GOL F . 21.35 3.44 10.02
C2 GOL F . 20.52 4.03 7.87
O2 GOL F . 20.24 5.20 8.60
C3 GOL F . 21.15 4.38 6.53
O3 GOL F . 22.57 4.40 6.69
CAA 27K G . -17.14 1.51 -0.51
CAH 27K G . -16.96 2.52 -1.65
CAI 27K G . -17.15 1.82 -2.99
CAJ 27K G . -16.09 0.72 -3.02
OAK 27K G . -16.13 -0.05 -4.22
CAL 27K G . -17.19 -0.89 -4.31
OAB 27K G . -18.09 -0.99 -3.46
CAN 27K G . -17.11 -1.72 -5.42
CAF 27K G . -15.91 -1.66 -6.10
CAD 27K G . -15.69 -2.45 -7.20
CAM 27K G . -16.68 -3.35 -7.60
OAC 27K G . -16.43 -4.11 -8.69
CAE 27K G . -17.89 -3.44 -6.91
CAG 27K G . -18.10 -2.64 -5.79
C1 GOL H . -8.76 -9.61 -19.76
O1 GOL H . -9.26 -8.89 -18.64
C2 GOL H . -8.74 -8.65 -20.95
O2 GOL H . -9.18 -7.38 -20.50
C3 GOL H . -7.32 -8.59 -21.52
O3 GOL H . -7.20 -7.54 -22.46
#